data_1A25
#
_entry.id   1A25
#
_cell.length_a   77.798
_cell.length_b   77.798
_cell.length_c   140.826
_cell.angle_alpha   90.00
_cell.angle_beta   90.00
_cell.angle_gamma   90.00
#
_symmetry.space_group_name_H-M   'P 43 21 2'
#
loop_
_entity.id
_entity.type
_entity.pdbx_description
1 polymer 'PROTEIN KINASE C (BETA)'
2 non-polymer 'CALCIUM ION'
3 non-polymer O-PHOSPHOETHANOLAMINE
4 water water
#
_entity_poly.entity_id   1
_entity_poly.type   'polypeptide(L)'
_entity_poly.pdbx_seq_one_letter_code
;GSPGISGGGGGILDSMERRGRIYIQAHIDREVLIVVVRDAKNLVPMDPNGLSDPYVKLKLIPDPKSESKQKTKTIKCSLN
PEWNETFRFQLKESDKDRRLSVEIWDWDLTSRNDFMGSLSFGISELQKAGVDGWFKLLSQEEGEYFNVP
;
_entity_poly.pdbx_strand_id   A,B
#
# COMPACT_ATOMS: atom_id res chain seq x y z
N GLU A 17 14.48 -0.12 -0.58
CA GLU A 17 13.76 0.17 0.71
C GLU A 17 12.59 1.13 0.47
N ARG A 18 11.65 0.67 -0.36
CA ARG A 18 10.48 1.45 -0.72
C ARG A 18 9.51 1.86 0.35
N ARG A 19 9.45 1.12 1.45
CA ARG A 19 8.50 1.47 2.50
C ARG A 19 9.13 1.88 3.81
N GLY A 20 10.43 2.13 3.80
CA GLY A 20 11.07 2.54 5.03
C GLY A 20 11.56 1.37 5.83
N ARG A 21 11.99 1.64 7.04
CA ARG A 21 12.51 0.59 7.89
C ARG A 21 12.04 0.65 9.35
N ILE A 22 12.11 -0.49 10.03
CA ILE A 22 11.68 -0.54 11.42
C ILE A 22 12.74 -1.22 12.28
N TYR A 23 12.90 -0.74 13.51
CA TYR A 23 13.90 -1.33 14.39
C TYR A 23 13.21 -2.29 15.34
N ILE A 24 13.51 -3.57 15.17
CA ILE A 24 12.91 -4.62 15.98
C ILE A 24 13.97 -5.38 16.79
N GLN A 25 13.54 -5.85 17.96
CA GLN A 25 14.40 -6.61 18.86
C GLN A 25 13.52 -7.79 19.26
N ALA A 26 13.96 -9.02 19.00
CA ALA A 26 13.15 -10.16 19.40
C ALA A 26 13.98 -11.38 19.68
N HIS A 27 13.70 -12.01 20.82
CA HIS A 27 14.40 -13.21 21.23
C HIS A 27 13.46 -14.08 22.06
N ILE A 28 13.84 -15.33 22.27
CA ILE A 28 13.02 -16.26 23.02
C ILE A 28 13.72 -16.69 24.31
N ASP A 29 13.00 -16.56 25.42
CA ASP A 29 13.51 -16.91 26.75
C ASP A 29 12.61 -18.01 27.29
N ARG A 30 13.07 -19.26 27.21
CA ARG A 30 12.31 -20.41 27.67
C ARG A 30 10.80 -20.31 27.43
N GLU A 31 10.40 -20.59 26.19
CA GLU A 31 9.00 -20.58 25.78
C GLU A 31 8.27 -19.23 25.86
N VAL A 32 9.02 -18.15 25.83
CA VAL A 32 8.41 -16.83 25.86
C VAL A 32 9.06 -15.89 24.87
N LEU A 33 8.29 -15.48 23.86
CA LEU A 33 8.77 -14.57 22.84
C LEU A 33 8.71 -13.15 23.36
N ILE A 34 9.85 -12.48 23.39
CA ILE A 34 9.90 -11.09 23.86
C ILE A 34 10.25 -10.21 22.68
N VAL A 35 9.31 -9.35 22.32
CA VAL A 35 9.47 -8.47 21.18
C VAL A 35 9.48 -7.00 21.58
N VAL A 36 10.50 -6.28 21.14
CA VAL A 36 10.58 -4.87 21.41
C VAL A 36 10.45 -4.15 20.09
N VAL A 37 9.43 -3.29 19.98
CA VAL A 37 9.19 -2.48 18.80
C VAL A 37 9.68 -1.07 19.12
N ARG A 38 10.89 -0.73 18.68
CA ARG A 38 11.45 0.58 18.98
C ARG A 38 10.87 1.71 18.11
N ASP A 39 11.37 1.88 16.89
CA ASP A 39 10.85 2.95 16.04
C ASP A 39 10.90 2.59 14.56
N ALA A 40 10.47 3.52 13.70
CA ALA A 40 10.50 3.29 12.26
C ALA A 40 10.88 4.57 11.52
N LYS A 41 11.59 4.42 10.40
CA LYS A 41 12.02 5.57 9.61
C LYS A 41 11.48 5.52 8.19
N ASN A 42 11.30 6.70 7.60
CA ASN A 42 10.84 6.91 6.23
C ASN A 42 9.64 6.10 5.80
N LEU A 43 8.59 6.14 6.59
CA LEU A 43 7.37 5.44 6.25
C LEU A 43 6.75 6.18 5.07
N VAL A 44 5.91 5.50 4.31
CA VAL A 44 5.27 6.07 3.16
C VAL A 44 4.00 6.81 3.56
N PRO A 45 3.80 8.03 3.05
CA PRO A 45 2.59 8.80 3.37
C PRO A 45 1.31 8.04 2.98
N MET A 46 0.32 8.02 3.87
CA MET A 46 -0.93 7.30 3.60
C MET A 46 -2.18 8.17 3.76
N ASP A 47 -1.98 9.44 4.14
CA ASP A 47 -3.11 10.35 4.35
C ASP A 47 -3.03 11.58 3.46
N PRO A 48 -4.17 12.24 3.25
CA PRO A 48 -4.18 13.43 2.39
C PRO A 48 -3.23 14.52 2.88
N ASN A 49 -2.89 14.50 4.17
CA ASN A 49 -1.98 15.52 4.68
C ASN A 49 -0.51 15.21 4.37
N GLY A 50 -0.27 14.10 3.68
CA GLY A 50 1.10 13.73 3.36
C GLY A 50 1.82 12.98 4.48
N LEU A 51 1.06 12.51 5.47
CA LEU A 51 1.64 11.76 6.58
C LEU A 51 0.88 10.46 6.79
N SER A 52 0.89 9.96 8.03
CA SER A 52 0.15 8.75 8.36
C SER A 52 0.10 8.63 9.89
N ASP A 53 -0.66 7.67 10.41
CA ASP A 53 -0.82 7.51 11.86
C ASP A 53 -0.47 6.05 12.13
N PRO A 54 0.83 5.73 12.16
CA PRO A 54 1.41 4.41 12.37
C PRO A 54 1.23 3.76 13.72
N TYR A 55 0.99 2.46 13.65
CA TYR A 55 0.86 1.65 14.84
C TYR A 55 1.26 0.28 14.30
N VAL A 56 1.90 -0.51 15.14
CA VAL A 56 2.35 -1.83 14.73
C VAL A 56 1.45 -2.92 15.28
N LYS A 57 1.20 -3.94 14.47
CA LYS A 57 0.37 -5.05 14.87
C LYS A 57 1.21 -6.32 14.85
N LEU A 58 1.29 -6.99 16.00
CA LEU A 58 2.07 -8.22 16.13
C LEU A 58 1.14 -9.44 16.29
N LYS A 59 1.40 -10.50 15.53
CA LYS A 59 0.62 -11.74 15.58
C LYS A 59 1.57 -12.90 15.32
N LEU A 60 1.13 -14.09 15.68
CA LEU A 60 1.89 -15.30 15.40
C LEU A 60 1.02 -15.92 14.31
N ILE A 61 1.58 -16.13 13.12
CA ILE A 61 0.81 -16.69 12.03
C ILE A 61 1.32 -18.05 11.58
N PRO A 62 0.43 -18.89 11.04
CA PRO A 62 -1.01 -18.67 10.80
C PRO A 62 -1.79 -18.51 12.09
N ASP A 63 -2.78 -17.63 12.05
CA ASP A 63 -3.63 -17.36 13.21
C ASP A 63 -4.93 -16.78 12.67
N PRO A 64 -5.75 -17.63 12.05
CA PRO A 64 -7.04 -17.23 11.47
C PRO A 64 -7.97 -16.39 12.36
N LYS A 65 -8.13 -16.75 13.63
CA LYS A 65 -9.02 -15.97 14.49
C LYS A 65 -8.35 -14.87 15.32
N SER A 66 -7.15 -14.46 14.91
CA SER A 66 -6.41 -13.41 15.60
C SER A 66 -6.50 -13.42 17.13
N GLU A 67 -6.13 -14.54 17.75
CA GLU A 67 -6.17 -14.63 19.20
C GLU A 67 -4.82 -14.18 19.69
N SER A 68 -3.89 -14.08 18.74
CA SER A 68 -2.52 -13.71 18.98
C SER A 68 -2.27 -12.20 18.96
N LYS A 69 -3.05 -11.47 18.18
CA LYS A 69 -2.91 -10.01 18.02
C LYS A 69 -2.57 -9.14 19.23
N GLN A 70 -1.57 -8.29 19.03
CA GLN A 70 -1.13 -7.30 20.01
C GLN A 70 -0.72 -6.05 19.22
N LYS A 71 -1.08 -4.87 19.74
CA LYS A 71 -0.79 -3.61 19.04
C LYS A 71 0.03 -2.64 19.87
N THR A 72 0.70 -1.71 19.20
CA THR A 72 1.43 -0.67 19.90
C THR A 72 0.42 0.46 19.90
N LYS A 73 0.76 1.58 20.52
CA LYS A 73 -0.16 2.70 20.49
C LYS A 73 0.00 3.31 19.09
N THR A 74 -0.92 4.18 18.72
CA THR A 74 -0.85 4.83 17.42
C THR A 74 -0.16 6.18 17.59
N ILE A 75 0.77 6.48 16.71
CA ILE A 75 1.45 7.78 16.76
C ILE A 75 0.81 8.59 15.65
N LYS A 76 0.18 9.70 15.99
CA LYS A 76 -0.48 10.49 14.96
C LYS A 76 0.43 11.35 14.10
N CYS A 77 0.12 11.38 12.81
CA CYS A 77 0.82 12.20 11.85
C CYS A 77 2.33 12.16 11.90
N SER A 78 2.89 10.98 11.61
CA SER A 78 4.33 10.81 11.63
C SER A 78 4.81 9.73 10.67
N LEU A 79 5.88 10.00 9.96
CA LEU A 79 6.46 9.01 9.04
C LEU A 79 7.75 8.49 9.68
N ASN A 80 7.95 8.82 10.94
CA ASN A 80 9.11 8.40 11.70
C ASN A 80 8.70 8.16 13.15
N PRO A 81 7.75 7.26 13.38
CA PRO A 81 7.27 6.98 14.73
C PRO A 81 8.27 6.32 15.66
N GLU A 82 8.15 6.67 16.93
CA GLU A 82 8.97 6.08 17.97
C GLU A 82 7.95 5.50 18.98
N TRP A 83 7.93 4.18 19.09
CA TRP A 83 6.99 3.51 19.98
C TRP A 83 7.62 3.04 21.29
N ASN A 84 8.75 2.35 21.20
CA ASN A 84 9.42 1.80 22.37
C ASN A 84 8.44 1.05 23.25
N GLU A 85 7.92 -0.06 22.75
CA GLU A 85 6.99 -0.88 23.53
C GLU A 85 7.44 -2.33 23.49
N THR A 86 7.29 -3.02 24.61
CA THR A 86 7.69 -4.42 24.68
C THR A 86 6.44 -5.29 24.72
N PHE A 87 6.57 -6.48 24.15
CA PHE A 87 5.46 -7.42 24.10
C PHE A 87 5.95 -8.82 24.44
N ARG A 88 5.11 -9.57 25.12
CA ARG A 88 5.46 -10.94 25.46
C ARG A 88 4.45 -11.90 24.88
N PHE A 89 4.94 -12.99 24.31
CA PHE A 89 4.07 -14.02 23.75
C PHE A 89 4.43 -15.36 24.40
N GLN A 90 3.41 -16.06 24.88
CA GLN A 90 3.62 -17.37 25.49
C GLN A 90 3.56 -18.41 24.39
N LEU A 91 4.72 -18.98 24.05
CA LEU A 91 4.81 -19.97 22.98
C LEU A 91 4.31 -21.37 23.35
N LYS A 92 4.25 -22.24 22.34
CA LYS A 92 3.78 -23.61 22.51
C LYS A 92 4.51 -24.53 21.53
N GLU A 93 4.04 -25.77 21.41
CA GLU A 93 4.63 -26.72 20.48
C GLU A 93 4.35 -26.24 19.06
N SER A 94 3.05 -26.12 18.76
CA SER A 94 2.55 -25.69 17.48
C SER A 94 3.27 -24.46 16.90
N ASP A 95 3.53 -23.46 17.75
CA ASP A 95 4.19 -22.24 17.30
C ASP A 95 5.52 -22.48 16.59
N LYS A 96 6.06 -23.68 16.69
CA LYS A 96 7.33 -23.98 16.02
C LYS A 96 7.16 -24.02 14.51
N ASP A 97 5.90 -24.03 14.06
CA ASP A 97 5.59 -24.03 12.64
C ASP A 97 4.98 -22.67 12.25
N ARG A 98 5.10 -21.69 13.13
CA ARG A 98 4.55 -20.36 12.88
C ARG A 98 5.63 -19.29 12.78
N ARG A 99 5.21 -18.11 12.32
CA ARG A 99 6.13 -16.98 12.19
C ARG A 99 5.65 -15.77 12.99
N LEU A 100 6.59 -14.97 13.47
CA LEU A 100 6.22 -13.74 14.16
C LEU A 100 5.94 -12.74 13.04
N SER A 101 4.71 -12.26 12.96
CA SER A 101 4.31 -11.31 11.94
C SER A 101 4.27 -9.89 12.51
N VAL A 102 5.01 -8.99 11.91
CA VAL A 102 5.05 -7.58 12.33
C VAL A 102 4.51 -6.71 11.18
N GLU A 103 3.37 -6.07 11.37
CA GLU A 103 2.82 -5.23 10.33
C GLU A 103 2.54 -3.81 10.81
N ILE A 104 2.92 -2.82 10.00
CA ILE A 104 2.64 -1.46 10.37
C ILE A 104 1.40 -1.03 9.62
N TRP A 105 0.49 -0.38 10.33
CA TRP A 105 -0.73 0.11 9.71
C TRP A 105 -0.94 1.58 10.00
N ASP A 106 -1.63 2.23 9.09
CA ASP A 106 -1.97 3.63 9.22
C ASP A 106 -3.39 3.68 9.70
N TRP A 107 -3.58 4.19 10.91
CA TRP A 107 -4.91 4.31 11.49
C TRP A 107 -5.68 5.39 10.74
N ASP A 108 -6.93 5.09 10.36
CA ASP A 108 -7.80 6.09 9.73
C ASP A 108 -9.13 6.11 10.51
N LEU A 109 -9.72 7.29 10.69
CA LEU A 109 -10.97 7.41 11.42
C LEU A 109 -12.19 6.97 10.61
N THR A 110 -12.24 7.45 9.38
CA THR A 110 -13.37 7.20 8.50
C THR A 110 -13.12 6.17 7.40
N SER A 111 -12.35 5.12 7.71
CA SER A 111 -12.07 4.10 6.72
C SER A 111 -11.14 3.01 7.22
N ARG A 112 -11.16 1.87 6.53
CA ARG A 112 -10.31 0.73 6.87
C ARG A 112 -8.90 1.26 7.00
N ASN A 113 -8.21 0.88 8.07
CA ASN A 113 -6.84 1.35 8.21
C ASN A 113 -6.07 0.89 6.97
N ASP A 114 -5.02 1.60 6.59
CA ASP A 114 -4.26 1.22 5.41
C ASP A 114 -2.95 0.55 5.77
N PHE A 115 -2.60 -0.48 5.01
CA PHE A 115 -1.36 -1.23 5.23
C PHE A 115 -0.14 -0.39 4.85
N MET A 116 0.94 -0.45 5.65
CA MET A 116 2.14 0.33 5.37
C MET A 116 3.41 -0.47 5.14
N GLY A 117 3.54 -1.59 5.84
CA GLY A 117 4.75 -2.37 5.69
C GLY A 117 4.66 -3.57 6.58
N SER A 118 5.31 -4.64 6.15
CA SER A 118 5.25 -5.89 6.85
C SER A 118 6.60 -6.57 6.96
N LEU A 119 6.64 -7.57 7.83
CA LEU A 119 7.87 -8.26 8.09
C LEU A 119 7.50 -9.49 8.92
N SER A 120 8.35 -10.51 8.91
CA SER A 120 8.06 -11.70 9.71
C SER A 120 9.32 -12.49 10.03
N PHE A 121 9.31 -13.16 11.16
CA PHE A 121 10.45 -13.98 11.55
C PHE A 121 9.96 -15.37 11.90
N GLY A 122 10.65 -16.39 11.43
CA GLY A 122 10.26 -17.75 11.76
C GLY A 122 10.52 -18.02 13.24
N ILE A 123 9.52 -18.51 13.96
CA ILE A 123 9.74 -18.77 15.38
C ILE A 123 10.80 -19.83 15.62
N SER A 124 10.89 -20.77 14.69
CA SER A 124 11.88 -21.81 14.80
C SER A 124 13.28 -21.18 14.72
N GLU A 125 13.41 -20.15 13.91
CA GLU A 125 14.69 -19.47 13.73
C GLU A 125 15.03 -18.52 14.86
N LEU A 126 14.01 -18.00 15.53
CA LEU A 126 14.28 -17.10 16.64
C LEU A 126 14.85 -17.89 17.81
N GLN A 127 14.40 -19.14 17.95
CA GLN A 127 14.86 -20.02 19.04
C GLN A 127 16.34 -20.34 18.89
N LYS A 128 16.86 -20.21 17.67
CA LYS A 128 18.27 -20.48 17.40
C LYS A 128 19.09 -19.19 17.53
N ALA A 129 18.46 -18.04 17.29
CA ALA A 129 19.13 -16.75 17.39
C ALA A 129 18.14 -15.59 17.32
N GLY A 130 18.21 -14.72 18.31
CA GLY A 130 17.32 -13.57 18.36
C GLY A 130 17.79 -12.53 17.35
N VAL A 131 16.99 -11.48 17.18
CA VAL A 131 17.33 -10.41 16.25
C VAL A 131 17.33 -9.07 16.96
N ASP A 132 18.17 -8.17 16.49
CA ASP A 132 18.27 -6.83 17.06
C ASP A 132 18.87 -5.90 16.03
N GLY A 133 18.01 -5.19 15.29
CA GLY A 133 18.49 -4.27 14.28
C GLY A 133 17.39 -3.69 13.40
N TRP A 134 17.81 -3.11 12.28
CA TRP A 134 16.88 -2.52 11.34
C TRP A 134 16.44 -3.49 10.28
N PHE A 135 15.17 -3.44 9.94
CA PHE A 135 14.64 -4.31 8.90
C PHE A 135 13.85 -3.49 7.89
N LYS A 136 14.05 -3.82 6.62
CA LYS A 136 13.37 -3.16 5.52
C LYS A 136 11.93 -3.65 5.55
N LEU A 137 10.96 -2.75 5.40
CA LEU A 137 9.56 -3.15 5.39
C LEU A 137 9.12 -3.69 4.01
N LEU A 138 8.44 -4.82 4.01
CA LEU A 138 7.99 -5.46 2.77
C LEU A 138 6.49 -5.31 2.54
N SER A 139 5.98 -5.77 1.40
CA SER A 139 4.54 -5.66 1.14
C SER A 139 3.86 -6.70 2.02
N GLN A 140 2.57 -6.54 2.27
CA GLN A 140 1.87 -7.47 3.14
C GLN A 140 2.00 -8.95 2.80
N GLU A 141 1.80 -9.32 1.54
CA GLU A 141 1.94 -10.74 1.15
C GLU A 141 3.38 -11.24 1.26
N GLU A 142 4.29 -10.36 0.89
CA GLU A 142 5.71 -10.63 0.89
C GLU A 142 6.23 -10.70 2.32
N GLY A 143 5.71 -9.84 3.18
CA GLY A 143 6.13 -9.79 4.56
C GLY A 143 5.75 -10.96 5.44
N GLU A 144 4.83 -11.79 4.98
CA GLU A 144 4.40 -12.94 5.74
C GLU A 144 5.38 -14.10 5.55
N TYR A 145 6.34 -13.91 4.63
CA TYR A 145 7.33 -14.94 4.32
C TYR A 145 8.77 -14.58 4.63
N PHE A 146 9.13 -13.31 4.49
CA PHE A 146 10.53 -12.94 4.73
C PHE A 146 10.76 -11.78 5.67
N ASN A 147 12.04 -11.45 5.80
CA ASN A 147 12.49 -10.34 6.60
C ASN A 147 13.87 -9.97 6.09
N VAL A 148 13.93 -8.95 5.24
CA VAL A 148 15.19 -8.48 4.66
C VAL A 148 16.02 -7.62 5.65
N GLU B 17 9.01 10.33 -4.59
CA GLU B 17 8.32 9.44 -5.58
C GLU B 17 8.36 8.00 -5.09
N ARG B 18 7.75 7.78 -3.93
CA ARG B 18 7.72 6.48 -3.27
C ARG B 18 7.04 5.34 -3.99
N ARG B 19 6.09 5.64 -4.86
CA ARG B 19 5.35 4.60 -5.55
C ARG B 19 5.57 4.56 -7.05
N GLY B 20 6.58 5.28 -7.54
CA GLY B 20 6.84 5.29 -8.97
C GLY B 20 6.03 6.35 -9.69
N ARG B 21 6.03 6.26 -11.02
CA ARG B 21 5.31 7.22 -11.84
C ARG B 21 4.53 6.57 -12.96
N ILE B 22 3.55 7.29 -13.49
CA ILE B 22 2.75 6.78 -14.59
C ILE B 22 2.63 7.87 -15.65
N TYR B 23 2.61 7.47 -16.92
CA TYR B 23 2.50 8.42 -18.02
C TYR B 23 1.07 8.45 -18.54
N ILE B 24 0.41 9.57 -18.28
CA ILE B 24 -0.96 9.77 -18.66
C ILE B 24 -1.13 10.91 -19.65
N GLN B 25 -2.14 10.75 -20.50
CA GLN B 25 -2.47 11.74 -21.50
C GLN B 25 -3.98 11.88 -21.37
N ALA B 26 -4.47 13.07 -21.10
CA ALA B 26 -5.92 13.26 -20.98
C ALA B 26 -6.37 14.65 -21.38
N HIS B 27 -7.39 14.71 -22.23
CA HIS B 27 -7.94 15.99 -22.68
C HIS B 27 -9.42 15.81 -22.96
N ILE B 28 -10.13 16.93 -23.12
CA ILE B 28 -11.55 16.87 -23.39
C ILE B 28 -11.86 17.39 -24.79
N ASP B 29 -12.51 16.52 -25.56
CA ASP B 29 -12.88 16.73 -26.96
C ASP B 29 -14.00 17.73 -27.16
N ARG B 30 -15.15 17.43 -26.57
CA ARG B 30 -16.33 18.28 -26.64
C ARG B 30 -16.97 18.11 -25.26
N GLU B 31 -17.55 16.93 -25.06
CA GLU B 31 -18.16 16.51 -23.82
C GLU B 31 -17.65 15.08 -23.70
N VAL B 32 -16.46 14.87 -24.27
CA VAL B 32 -15.84 13.55 -24.26
C VAL B 32 -14.43 13.54 -23.71
N LEU B 33 -14.25 12.85 -22.58
CA LEU B 33 -12.95 12.74 -21.95
C LEU B 33 -12.17 11.62 -22.64
N ILE B 34 -11.01 11.96 -23.19
CA ILE B 34 -10.18 10.95 -23.83
C ILE B 34 -8.92 10.78 -22.99
N VAL B 35 -8.77 9.56 -22.45
CA VAL B 35 -7.65 9.23 -21.59
C VAL B 35 -6.75 8.16 -22.17
N VAL B 36 -5.47 8.45 -22.26
CA VAL B 36 -4.52 7.47 -22.76
C VAL B 36 -3.61 7.06 -21.61
N VAL B 37 -3.59 5.77 -21.30
CA VAL B 37 -2.76 5.23 -20.24
C VAL B 37 -1.58 4.53 -20.93
N ARG B 38 -0.43 5.20 -21.05
CA ARG B 38 0.71 4.57 -21.72
C ARG B 38 1.43 3.54 -20.85
N ASP B 39 2.31 3.99 -19.95
CA ASP B 39 3.06 3.06 -19.10
C ASP B 39 3.39 3.59 -17.70
N ALA B 40 4.03 2.77 -16.89
CA ALA B 40 4.41 3.17 -15.53
C ALA B 40 5.81 2.66 -15.20
N LYS B 41 6.52 3.40 -14.35
CA LYS B 41 7.87 3.07 -13.96
C LYS B 41 8.03 2.95 -12.47
N ASN B 42 8.96 2.09 -12.06
CA ASN B 42 9.30 1.84 -10.66
C ASN B 42 8.12 1.65 -9.70
N LEU B 43 7.22 0.75 -10.07
CA LEU B 43 6.10 0.45 -9.20
C LEU B 43 6.66 -0.31 -8.00
N VAL B 44 5.90 -0.31 -6.91
CA VAL B 44 6.32 -0.99 -5.70
C VAL B 44 5.93 -2.47 -5.72
N PRO B 45 6.86 -3.37 -5.36
CA PRO B 45 6.54 -4.81 -5.35
C PRO B 45 5.37 -5.11 -4.42
N MET B 46 4.42 -5.94 -4.88
CA MET B 46 3.25 -6.27 -4.08
C MET B 46 3.02 -7.77 -3.89
N ASP B 47 3.87 -8.58 -4.50
CA ASP B 47 3.72 -10.04 -4.42
C ASP B 47 4.96 -10.68 -3.82
N PRO B 48 4.81 -11.90 -3.31
CA PRO B 48 5.94 -12.60 -2.72
C PRO B 48 7.13 -12.75 -3.66
N ASN B 49 6.88 -12.75 -4.97
CA ASN B 49 7.98 -12.89 -5.93
C ASN B 49 8.76 -11.60 -6.12
N GLY B 50 8.38 -10.55 -5.39
CA GLY B 50 9.07 -9.28 -5.55
C GLY B 50 8.57 -8.43 -6.72
N LEU B 51 7.45 -8.81 -7.31
CA LEU B 51 6.89 -8.05 -8.41
C LEU B 51 5.43 -7.72 -8.13
N SER B 52 4.65 -7.55 -9.20
CA SER B 52 3.21 -7.27 -9.07
C SER B 52 2.57 -7.47 -10.44
N ASP B 53 1.25 -7.42 -10.51
CA ASP B 53 0.51 -7.64 -11.77
C ASP B 53 -0.39 -6.42 -11.93
N PRO B 54 0.19 -5.31 -12.39
CA PRO B 54 -0.47 -4.03 -12.58
C PRO B 54 -1.53 -3.92 -13.64
N TYR B 55 -2.57 -3.18 -13.31
CA TYR B 55 -3.64 -2.87 -14.23
C TYR B 55 -4.18 -1.55 -13.66
N VAL B 56 -4.63 -0.66 -14.54
CA VAL B 56 -5.10 0.63 -14.12
C VAL B 56 -6.61 0.69 -14.15
N LYS B 57 -7.19 1.35 -13.17
CA LYS B 57 -8.64 1.47 -13.06
C LYS B 57 -9.01 2.95 -13.14
N LEU B 58 -9.83 3.29 -14.14
CA LEU B 58 -10.26 4.66 -14.34
C LEU B 58 -11.73 4.83 -13.96
N LYS B 59 -12.04 5.87 -13.20
CA LYS B 59 -13.40 6.19 -12.77
C LYS B 59 -13.56 7.70 -12.71
N LEU B 60 -14.81 8.15 -12.70
CA LEU B 60 -15.09 9.57 -12.54
C LEU B 60 -15.68 9.55 -11.13
N ILE B 61 -15.05 10.29 -10.21
CA ILE B 61 -15.52 10.33 -8.83
C ILE B 61 -16.00 11.72 -8.41
N PRO B 62 -16.92 11.80 -7.46
CA PRO B 62 -17.56 10.71 -6.71
C PRO B 62 -18.44 9.83 -7.57
N ASP B 63 -18.41 8.55 -7.29
CA ASP B 63 -19.18 7.57 -8.02
C ASP B 63 -19.58 6.53 -6.97
N PRO B 64 -20.89 6.44 -6.66
CA PRO B 64 -21.44 5.51 -5.68
C PRO B 64 -21.31 4.04 -6.06
N LYS B 65 -22.23 3.60 -6.92
CA LYS B 65 -22.30 2.22 -7.39
C LYS B 65 -21.17 1.88 -8.39
N SER B 66 -20.06 2.61 -8.32
CA SER B 66 -18.91 2.39 -9.20
C SER B 66 -19.35 2.21 -10.67
N GLU B 67 -20.27 3.08 -11.11
CA GLU B 67 -20.83 3.04 -12.46
C GLU B 67 -19.95 3.55 -13.61
N SER B 68 -18.86 4.23 -13.31
CA SER B 68 -17.98 4.79 -14.32
C SER B 68 -16.77 3.93 -14.72
N LYS B 69 -16.41 3.00 -13.84
CA LYS B 69 -15.26 2.12 -14.01
C LYS B 69 -14.87 1.58 -15.39
N GLN B 70 -13.58 1.71 -15.68
CA GLN B 70 -12.96 1.19 -16.90
C GLN B 70 -11.53 0.72 -16.51
N LYS B 71 -11.12 -0.43 -17.02
CA LYS B 71 -9.82 -1.00 -16.69
C LYS B 71 -8.93 -1.24 -17.88
N THR B 72 -7.63 -1.31 -17.64
CA THR B 72 -6.70 -1.63 -18.71
C THR B 72 -6.52 -3.13 -18.52
N LYS B 73 -5.78 -3.77 -19.39
CA LYS B 73 -5.54 -5.18 -19.20
C LYS B 73 -4.54 -5.27 -18.04
N THR B 74 -4.35 -6.47 -17.52
CA THR B 74 -3.39 -6.67 -16.45
C THR B 74 -2.05 -7.15 -17.05
N ILE B 75 -0.94 -6.57 -16.62
CA ILE B 75 0.37 -7.00 -17.11
C ILE B 75 0.93 -7.86 -15.99
N LYS B 76 1.23 -9.11 -16.25
CA LYS B 76 1.73 -9.98 -15.18
C LYS B 76 3.18 -9.81 -14.85
N CYS B 77 3.46 -9.84 -13.55
CA CYS B 77 4.82 -9.76 -13.03
C CYS B 77 5.70 -8.68 -13.61
N SER B 78 5.31 -7.42 -13.39
CA SER B 78 6.08 -6.31 -13.90
C SER B 78 5.97 -5.07 -13.02
N LEU B 79 7.10 -4.40 -12.78
CA LEU B 79 7.09 -3.16 -12.01
C LEU B 79 7.29 -1.99 -12.96
N ASN B 80 7.20 -2.29 -14.25
CA ASN B 80 7.33 -1.29 -15.31
C ASN B 80 6.40 -1.65 -16.45
N PRO B 81 5.10 -1.72 -16.19
CA PRO B 81 4.13 -2.07 -17.21
C PRO B 81 3.93 -1.06 -18.32
N GLU B 82 3.67 -1.58 -19.50
CA GLU B 82 3.39 -0.75 -20.65
C GLU B 82 2.00 -1.23 -21.13
N TRP B 83 1.01 -0.35 -21.06
CA TRP B 83 -0.36 -0.68 -21.43
C TRP B 83 -0.77 -0.12 -22.79
N ASN B 84 -0.52 1.17 -22.98
CA ASN B 84 -0.90 1.85 -24.21
C ASN B 84 -2.35 1.57 -24.56
N GLU B 85 -3.26 2.04 -23.74
CA GLU B 85 -4.67 1.84 -24.02
C GLU B 85 -5.40 3.17 -23.93
N THR B 86 -6.36 3.37 -24.82
CA THR B 86 -7.13 4.62 -24.79
C THR B 86 -8.52 4.34 -24.25
N PHE B 87 -9.09 5.35 -23.61
CA PHE B 87 -10.42 5.23 -23.03
C PHE B 87 -11.22 6.51 -23.27
N ARG B 88 -12.51 6.33 -23.51
CA ARG B 88 -13.40 7.45 -23.74
C ARG B 88 -14.50 7.51 -22.69
N PHE B 89 -14.75 8.70 -22.18
CA PHE B 89 -15.81 8.92 -21.20
C PHE B 89 -16.74 9.99 -21.75
N GLN B 90 -18.03 9.70 -21.73
CA GLN B 90 -19.03 10.65 -22.19
C GLN B 90 -19.42 11.50 -20.97
N LEU B 91 -18.97 12.76 -20.98
CA LEU B 91 -19.24 13.67 -19.86
C LEU B 91 -20.66 14.25 -19.81
N LYS B 92 -20.95 14.95 -18.71
CA LYS B 92 -22.27 15.57 -18.49
C LYS B 92 -22.11 16.87 -17.70
N GLU B 93 -23.23 17.41 -17.23
CA GLU B 93 -23.21 18.64 -16.45
C GLU B 93 -22.55 18.33 -15.12
N SER B 94 -23.15 17.39 -14.42
CA SER B 94 -22.69 16.95 -13.12
C SER B 94 -21.18 16.68 -13.03
N ASP B 95 -20.63 16.07 -14.07
CA ASP B 95 -19.20 15.75 -14.07
C ASP B 95 -18.29 16.95 -13.86
N LYS B 96 -18.85 18.15 -13.95
CA LYS B 96 -18.03 19.34 -13.75
C LYS B 96 -17.62 19.49 -12.29
N ASP B 97 -18.25 18.69 -11.43
CA ASP B 97 -17.93 18.69 -10.00
C ASP B 97 -17.22 17.39 -9.63
N ARG B 98 -16.78 16.64 -10.63
CA ARG B 98 -16.09 15.38 -10.40
C ARG B 98 -14.63 15.39 -10.85
N ARG B 99 -13.91 14.34 -10.47
CA ARG B 99 -12.51 14.22 -10.82
C ARG B 99 -12.25 12.92 -11.58
N LEU B 100 -11.27 12.94 -12.48
CA LEU B 100 -10.88 11.72 -13.18
C LEU B 100 -9.96 11.02 -12.18
N SER B 101 -10.35 9.82 -11.77
CA SER B 101 -9.55 9.05 -10.83
C SER B 101 -8.80 7.93 -11.53
N VAL B 102 -7.48 7.94 -11.39
CA VAL B 102 -6.61 6.92 -12.00
C VAL B 102 -5.93 6.12 -10.88
N GLU B 103 -6.26 4.84 -10.74
CA GLU B 103 -5.63 4.02 -9.71
C GLU B 103 -4.98 2.76 -10.28
N ILE B 104 -3.77 2.47 -9.83
CA ILE B 104 -3.10 1.27 -10.28
C ILE B 104 -3.30 0.22 -9.20
N TRP B 105 -3.66 -0.97 -9.61
CA TRP B 105 -3.87 -2.08 -8.69
C TRP B 105 -3.08 -3.30 -9.08
N ASP B 106 -2.72 -4.07 -8.07
CA ASP B 106 -2.01 -5.31 -8.28
C ASP B 106 -3.03 -6.44 -8.24
N TRP B 107 -3.20 -7.11 -9.36
CA TRP B 107 -4.12 -8.22 -9.45
C TRP B 107 -3.58 -9.41 -8.68
N ASP B 108 -4.42 -10.02 -7.84
CA ASP B 108 -4.03 -11.22 -7.10
C ASP B 108 -5.12 -12.28 -7.34
N LEU B 109 -4.71 -13.54 -7.45
CA LEU B 109 -5.65 -14.62 -7.68
C LEU B 109 -6.42 -15.04 -6.44
N THR B 110 -5.68 -15.22 -5.36
CA THR B 110 -6.26 -15.69 -4.11
C THR B 110 -6.44 -14.62 -3.04
N SER B 111 -6.82 -13.41 -3.44
CA SER B 111 -7.02 -12.34 -2.46
C SER B 111 -7.38 -11.01 -3.09
N ARG B 112 -7.94 -10.12 -2.26
CA ARG B 112 -8.33 -8.78 -2.72
C ARG B 112 -7.12 -8.18 -3.45
N ASN B 113 -7.34 -7.58 -4.60
CA ASN B 113 -6.23 -6.98 -5.30
C ASN B 113 -5.63 -5.92 -4.37
N ASP B 114 -4.35 -5.63 -4.51
CA ASP B 114 -3.74 -4.63 -3.64
C ASP B 114 -3.53 -3.31 -4.33
N PHE B 115 -3.78 -2.23 -3.60
CA PHE B 115 -3.62 -0.88 -4.13
C PHE B 115 -2.14 -0.56 -4.32
N MET B 116 -1.78 0.13 -5.41
CA MET B 116 -0.38 0.48 -5.69
C MET B 116 -0.09 1.96 -5.85
N GLY B 117 -1.02 2.71 -6.41
CA GLY B 117 -0.76 4.12 -6.62
C GLY B 117 -1.98 4.79 -7.21
N SER B 118 -2.15 6.05 -6.88
CA SER B 118 -3.34 6.76 -7.30
C SER B 118 -3.04 8.15 -7.79
N LEU B 119 -4.01 8.72 -8.45
CA LEU B 119 -3.84 10.03 -9.04
C LEU B 119 -5.21 10.51 -9.48
N SER B 120 -5.40 11.82 -9.61
CA SER B 120 -6.69 12.31 -10.06
C SER B 120 -6.58 13.68 -10.67
N PHE B 121 -7.46 13.97 -11.63
CA PHE B 121 -7.48 15.28 -12.26
C PHE B 121 -8.90 15.83 -12.20
N GLY B 122 -9.02 17.11 -11.86
CA GLY B 122 -10.35 17.70 -11.81
C GLY B 122 -10.89 17.84 -13.22
N ILE B 123 -12.11 17.37 -13.46
CA ILE B 123 -12.66 17.48 -14.80
C ILE B 123 -12.83 18.92 -15.23
N SER B 124 -13.10 19.79 -14.27
CA SER B 124 -13.27 21.19 -14.56
C SER B 124 -11.94 21.75 -15.09
N GLU B 125 -10.83 21.27 -14.55
CA GLU B 125 -9.51 21.74 -14.95
C GLU B 125 -9.02 21.13 -16.26
N LEU B 126 -9.51 19.94 -16.59
CA LEU B 126 -9.10 19.32 -17.84
C LEU B 126 -9.73 20.09 -19.01
N GLN B 127 -10.95 20.61 -18.79
CA GLN B 127 -11.66 21.39 -19.81
C GLN B 127 -10.92 22.66 -20.16
N LYS B 128 -10.08 23.11 -19.24
CA LYS B 128 -9.31 24.33 -19.44
C LYS B 128 -7.94 24.01 -20.05
N ALA B 129 -7.45 22.80 -19.78
CA ALA B 129 -6.15 22.36 -20.30
C ALA B 129 -5.92 20.86 -20.08
N GLY B 130 -5.63 20.14 -21.16
CA GLY B 130 -5.38 18.72 -21.02
C GLY B 130 -4.01 18.46 -20.41
N VAL B 131 -3.71 17.19 -20.16
CA VAL B 131 -2.42 16.82 -19.57
C VAL B 131 -1.71 15.76 -20.41
N ASP B 132 -0.39 15.81 -20.40
CA ASP B 132 0.40 14.86 -21.18
C ASP B 132 1.81 14.79 -20.61
N GLY B 133 2.04 13.80 -19.74
CA GLY B 133 3.35 13.65 -19.14
C GLY B 133 3.40 12.64 -18.02
N TRP B 134 4.46 12.71 -17.22
CA TRP B 134 4.63 11.80 -16.10
C TRP B 134 4.04 12.35 -14.83
N PHE B 135 3.40 11.49 -14.05
CA PHE B 135 2.82 11.89 -12.78
C PHE B 135 3.28 10.95 -11.69
N LYS B 136 3.63 11.52 -10.54
CA LYS B 136 4.05 10.77 -9.37
C LYS B 136 2.80 10.08 -8.81
N LEU B 137 2.88 8.79 -8.46
CA LEU B 137 1.71 8.11 -7.91
C LEU B 137 1.57 8.40 -6.39
N LEU B 138 0.35 8.68 -5.96
CA LEU B 138 0.08 9.01 -4.57
C LEU B 138 -0.66 7.89 -3.86
N SER B 139 -0.87 8.02 -2.54
CA SER B 139 -1.61 6.99 -1.81
C SER B 139 -3.08 7.10 -2.23
N GLN B 140 -3.86 6.05 -2.01
CA GLN B 140 -5.25 6.07 -2.43
C GLN B 140 -6.08 7.25 -1.93
N GLU B 141 -6.02 7.57 -0.64
CA GLU B 141 -6.79 8.68 -0.11
C GLU B 141 -6.29 10.02 -0.65
N GLU B 142 -4.98 10.11 -0.76
CA GLU B 142 -4.28 11.30 -1.25
C GLU B 142 -4.50 11.49 -2.74
N GLY B 143 -4.56 10.38 -3.48
CA GLY B 143 -4.74 10.43 -4.92
C GLY B 143 -6.10 10.85 -5.40
N GLU B 144 -7.09 10.84 -4.51
CA GLU B 144 -8.45 11.23 -4.88
C GLU B 144 -8.58 12.76 -4.85
N TYR B 145 -7.52 13.43 -4.40
CA TYR B 145 -7.52 14.88 -4.30
C TYR B 145 -6.49 15.60 -5.17
N PHE B 146 -5.32 14.99 -5.36
CA PHE B 146 -4.30 15.67 -6.14
C PHE B 146 -3.66 14.86 -7.26
N ASN B 147 -2.63 15.48 -7.83
CA ASN B 147 -1.78 14.93 -8.87
C ASN B 147 -0.55 15.83 -8.87
N VAL B 148 0.61 15.23 -9.07
CA VAL B 148 1.86 15.96 -9.02
C VAL B 148 2.70 15.76 -10.28
#